data_2Y71
#
_entry.id   2Y71
#
_cell.length_a   126.650
_cell.length_b   126.650
_cell.length_c   126.650
_cell.angle_alpha   90.00
_cell.angle_beta   90.00
_cell.angle_gamma   90.00
#
_symmetry.space_group_name_H-M   'F 2 3'
#
loop_
_entity.id
_entity.type
_entity.pdbx_description
1 polymer '3-DEHYDROQUINATE DEHYDRATASE'
2 non-polymer '(1R,4S,5R)-1,4,5-trihydroxy-3-[(5-methyl-1-benzothiophen-2-yl)methoxy]cyclohex-2-ene-1-carboxylic acid'
3 non-polymer 'SODIUM ION'
4 non-polymer 'SULFATE ION'
5 water water
#
_entity_poly.entity_id   1
_entity_poly.type   'polypeptide(L)'
_entity_poly.pdbx_seq_one_letter_code
;SELIVNVINGPNLGRLGRREPAVYGGTTHDELVALIEREAAELGLKAVVRQSDSEAQLLDWIHQAADAAEPVILNAGGLT
HTSVALRDACAELSAPLIEVHISNVHAREEFRRHSYLSPIATGVIVGLGIQGYLLALRYLAEHVGT
;
_entity_poly.pdbx_strand_id   A
#
loop_
_chem_comp.id
_chem_comp.type
_chem_comp.name
_chem_comp.formula
CB6 non-polymer '(1R,4S,5R)-1,4,5-trihydroxy-3-[(5-methyl-1-benzothiophen-2-yl)methoxy]cyclohex-2-ene-1-carboxylic acid' 'C17 H18 O6 S'
NA non-polymer 'SODIUM ION' 'Na 1'
SO4 non-polymer 'SULFATE ION' 'O4 S -2'
#
# COMPACT_ATOMS: atom_id res chain seq x y z
N LEU A 3 2.41 -3.99 16.09
CA LEU A 3 3.25 -5.22 15.84
C LEU A 3 3.04 -5.77 14.42
N ILE A 4 1.84 -6.22 14.09
CA ILE A 4 1.58 -6.68 12.72
C ILE A 4 1.12 -5.53 11.81
N VAL A 5 1.75 -5.42 10.64
CA VAL A 5 1.37 -4.43 9.61
C VAL A 5 1.05 -5.20 8.35
N ASN A 6 -0.06 -4.84 7.73
CA ASN A 6 -0.47 -5.42 6.47
C ASN A 6 -0.06 -4.51 5.33
N VAL A 7 0.64 -5.04 4.34
CA VAL A 7 1.01 -4.31 3.14
C VAL A 7 0.23 -4.97 2.02
N ILE A 8 -0.65 -4.21 1.39
CA ILE A 8 -1.55 -4.74 0.37
C ILE A 8 -1.27 -4.01 -0.94
N ASN A 9 -1.01 -4.80 -1.98
CA ASN A 9 -0.75 -4.30 -3.31
C ASN A 9 -1.88 -4.75 -4.26
N GLY A 10 -2.39 -3.80 -5.04
CA GLY A 10 -3.48 -4.02 -5.97
C GLY A 10 -3.02 -4.39 -7.36
N PRO A 11 -3.89 -4.15 -8.34
CA PRO A 11 -3.67 -4.73 -9.68
C PRO A 11 -2.38 -4.31 -10.35
N ASN A 12 -1.82 -5.28 -11.08
CA ASN A 12 -0.63 -5.16 -11.88
C ASN A 12 0.68 -5.13 -11.10
N LEU A 13 0.62 -4.96 -9.79
CA LEU A 13 1.83 -4.88 -8.99
C LEU A 13 2.57 -6.20 -8.89
N GLY A 14 1.92 -7.30 -9.22
CA GLY A 14 2.61 -8.58 -9.39
C GLY A 14 3.60 -8.60 -10.53
N ARG A 15 3.47 -7.66 -11.46
CA ARG A 15 4.25 -7.58 -12.70
C ARG A 15 5.54 -6.74 -12.50
N LEU A 16 5.75 -6.17 -11.32
CA LEU A 16 6.94 -5.35 -11.07
C LEU A 16 8.20 -6.04 -11.50
N GLY A 17 9.08 -5.27 -12.11
CA GLY A 17 10.43 -5.74 -12.38
C GLY A 17 10.99 -5.39 -13.74
N PRO A 21 11.08 -1.48 -16.60
CA PRO A 21 11.50 -0.87 -15.34
C PRO A 21 11.47 0.68 -15.28
N ALA A 22 11.12 1.33 -16.39
CA ALA A 22 11.29 2.79 -16.48
C ALA A 22 10.47 3.60 -15.46
N VAL A 23 9.24 3.18 -15.22
CA VAL A 23 8.32 3.95 -14.37
C VAL A 23 8.27 3.41 -12.94
N TYR A 24 8.28 2.08 -12.81
CA TYR A 24 8.09 1.47 -11.51
C TYR A 24 9.35 0.84 -10.91
N GLY A 25 10.48 0.95 -11.60
CA GLY A 25 11.73 0.37 -11.11
C GLY A 25 11.91 -1.09 -11.49
N GLY A 26 13.09 -1.63 -11.19
CA GLY A 26 13.44 -2.97 -11.57
C GLY A 26 13.31 -4.02 -10.47
N THR A 27 12.82 -3.63 -9.30
CA THR A 27 12.63 -4.55 -8.20
C THR A 27 11.36 -5.38 -8.44
N THR A 28 11.45 -6.69 -8.38
CA THR A 28 10.27 -7.55 -8.55
C THR A 28 9.40 -7.59 -7.31
N HIS A 29 8.16 -8.07 -7.46
CA HIS A 29 7.29 -8.16 -6.29
C HIS A 29 7.88 -9.09 -5.20
N ASP A 30 8.47 -10.22 -5.61
CA ASP A 30 9.08 -11.13 -4.62
C ASP A 30 10.22 -10.44 -3.87
N GLU A 31 11.04 -9.67 -4.59
CA GLU A 31 12.12 -8.89 -3.96
C GLU A 31 11.55 -7.84 -3.02
N LEU A 32 10.46 -7.19 -3.44
CA LEU A 32 9.82 -6.20 -2.59
C LEU A 32 9.35 -6.83 -1.29
N VAL A 33 8.71 -8.01 -1.37
CA VAL A 33 8.28 -8.71 -0.17
C VAL A 33 9.48 -8.97 0.74
N ALA A 34 10.58 -9.47 0.17
CA ALA A 34 11.80 -9.71 0.95
C ALA A 34 12.33 -8.45 1.64
N LEU A 35 12.40 -7.35 0.90
CA LEU A 35 12.89 -6.08 1.46
C LEU A 35 11.99 -5.59 2.59
N ILE A 36 10.67 -5.69 2.39
CA ILE A 36 9.73 -5.26 3.41
C ILE A 36 9.84 -6.12 4.67
N GLU A 37 9.93 -7.43 4.49
CA GLU A 37 10.01 -8.34 5.64
C GLU A 37 11.26 -8.06 6.47
N ARG A 38 12.39 -7.84 5.79
CA ARG A 38 13.68 -7.48 6.42
C ARG A 38 13.59 -6.18 7.20
N GLU A 39 13.01 -5.13 6.59
CA GLU A 39 12.90 -3.85 7.25
C GLU A 39 11.97 -3.93 8.45
N ALA A 40 10.86 -4.64 8.29
CA ALA A 40 9.90 -4.81 9.39
C ALA A 40 10.62 -5.46 10.57
N ALA A 41 11.42 -6.48 10.29
CA ALA A 41 12.12 -7.20 11.35
C ALA A 41 13.06 -6.25 12.09
N GLU A 42 13.79 -5.43 11.34
CA GLU A 42 14.70 -4.45 11.93
C GLU A 42 13.98 -3.43 12.82
N LEU A 43 12.71 -3.15 12.49
CA LEU A 43 11.90 -2.20 13.24
C LEU A 43 11.09 -2.84 14.37
N GLY A 44 11.16 -4.15 14.50
CA GLY A 44 10.39 -4.88 15.51
C GLY A 44 8.94 -5.11 15.16
N LEU A 45 8.65 -5.08 13.86
CA LEU A 45 7.31 -5.32 13.33
C LEU A 45 7.28 -6.66 12.60
N LYS A 46 6.08 -7.14 12.30
CA LYS A 46 5.89 -8.28 11.39
C LYS A 46 5.03 -7.79 10.23
N ALA A 47 5.58 -7.85 9.03
CA ALA A 47 4.86 -7.41 7.85
C ALA A 47 4.25 -8.61 7.16
N VAL A 48 2.98 -8.48 6.80
CA VAL A 48 2.26 -9.47 6.02
C VAL A 48 1.95 -8.79 4.68
N VAL A 49 2.58 -9.26 3.61
CA VAL A 49 2.48 -8.65 2.31
C VAL A 49 1.64 -9.51 1.38
N ARG A 50 0.66 -8.87 0.75
CA ARG A 50 -0.27 -9.56 -0.12
C ARG A 50 -0.48 -8.75 -1.39
N GLN A 51 -0.70 -9.42 -2.52
CA GLN A 51 -1.00 -8.74 -3.78
C GLN A 51 -2.11 -9.47 -4.51
N SER A 52 -3.01 -8.70 -5.12
CA SER A 52 -4.04 -9.29 -5.96
C SER A 52 -4.49 -8.32 -7.02
N ASP A 53 -4.89 -8.87 -8.15
CA ASP A 53 -5.53 -8.11 -9.21
C ASP A 53 -7.06 -8.06 -9.04
N SER A 54 -7.59 -8.75 -8.03
CA SER A 54 -9.03 -8.83 -7.77
C SER A 54 -9.47 -7.85 -6.67
N GLU A 55 -10.34 -6.92 -7.02
CA GLU A 55 -10.88 -5.98 -6.03
C GLU A 55 -11.55 -6.71 -4.87
N ALA A 56 -12.31 -7.77 -5.14
CA ALA A 56 -12.96 -8.51 -4.05
C ALA A 56 -11.93 -9.08 -3.07
N GLN A 57 -10.81 -9.60 -3.57
CA GLN A 57 -9.77 -10.10 -2.71
C GLN A 57 -9.15 -8.98 -1.88
N LEU A 58 -8.88 -7.83 -2.50
CA LEU A 58 -8.35 -6.71 -1.75
C LEU A 58 -9.32 -6.31 -0.64
N LEU A 59 -10.61 -6.24 -0.95
CA LEU A 59 -11.61 -5.89 0.04
C LEU A 59 -11.55 -6.85 1.20
N ASP A 60 -11.41 -8.15 0.92
CA ASP A 60 -11.40 -9.12 2.01
C ASP A 60 -10.19 -8.88 2.92
N TRP A 61 -9.04 -8.60 2.34
CA TRP A 61 -7.87 -8.33 3.15
C TRP A 61 -8.02 -7.05 3.99
N ILE A 62 -8.65 -6.02 3.44
CA ILE A 62 -8.95 -4.83 4.21
C ILE A 62 -9.93 -5.12 5.34
N HIS A 63 -10.98 -5.90 5.06
CA HIS A 63 -11.94 -6.31 6.09
C HIS A 63 -11.22 -7.02 7.25
N GLN A 64 -10.29 -7.90 6.91
CA GLN A 64 -9.55 -8.63 7.95
C GLN A 64 -8.74 -7.66 8.81
N ALA A 65 -8.09 -6.69 8.17
CA ALA A 65 -7.33 -5.71 8.92
C ALA A 65 -8.23 -4.87 9.83
N ALA A 66 -9.42 -4.54 9.36
CA ALA A 66 -10.36 -3.80 10.18
C ALA A 66 -10.78 -4.63 11.40
N ASP A 67 -11.08 -5.91 11.18
CA ASP A 67 -11.48 -6.77 12.30
C ASP A 67 -10.34 -6.94 13.32
N ALA A 68 -9.10 -6.92 12.85
CA ALA A 68 -7.93 -7.13 13.72
C ALA A 68 -7.37 -5.81 14.29
N ALA A 69 -7.93 -4.68 13.86
CA ALA A 69 -7.41 -3.37 14.24
C ALA A 69 -5.92 -3.22 13.93
N GLU A 70 -5.53 -3.69 12.73
CA GLU A 70 -4.14 -3.64 12.27
C GLU A 70 -3.99 -2.52 11.25
N PRO A 71 -2.83 -1.86 11.25
CA PRO A 71 -2.53 -0.89 10.22
C PRO A 71 -2.36 -1.50 8.84
N VAL A 72 -2.54 -0.65 7.84
CA VAL A 72 -2.44 -1.05 6.46
C VAL A 72 -1.58 -0.04 5.69
N ILE A 73 -0.66 -0.56 4.90
CA ILE A 73 0.06 0.21 3.88
C ILE A 73 -0.50 -0.32 2.57
N LEU A 74 -1.14 0.54 1.82
CA LEU A 74 -1.90 0.15 0.64
C LEU A 74 -1.38 0.85 -0.59
N ASN A 75 -1.00 0.08 -1.60
CA ASN A 75 -0.79 0.60 -2.95
C ASN A 75 -1.85 -0.07 -3.81
N ALA A 76 -2.95 0.64 -4.03
CA ALA A 76 -4.12 0.09 -4.68
C ALA A 76 -3.99 0.01 -6.21
N GLY A 77 -2.85 0.46 -6.77
CA GLY A 77 -2.71 0.49 -8.22
C GLY A 77 -3.78 1.31 -8.87
N GLY A 78 -4.32 0.85 -9.99
CA GLY A 78 -5.28 1.69 -10.71
C GLY A 78 -6.57 1.92 -9.96
N LEU A 79 -6.87 1.02 -9.02
CA LEU A 79 -8.09 1.16 -8.19
C LEU A 79 -8.06 2.41 -7.29
N THR A 80 -6.87 2.95 -7.03
CA THR A 80 -6.71 4.21 -6.32
C THR A 80 -7.64 5.28 -6.90
N HIS A 81 -7.70 5.32 -8.22
CA HIS A 81 -8.33 6.41 -8.93
C HIS A 81 -9.79 6.13 -9.25
N THR A 82 -10.25 4.91 -9.01
CA THR A 82 -11.51 4.45 -9.51
C THR A 82 -12.49 3.82 -8.53
N SER A 83 -12.00 3.27 -7.41
CA SER A 83 -12.83 2.40 -6.57
C SER A 83 -13.38 3.05 -5.30
N VAL A 84 -14.66 3.35 -5.32
CA VAL A 84 -15.34 3.78 -4.11
C VAL A 84 -15.51 2.62 -3.14
N ALA A 85 -15.72 1.43 -3.65
CA ALA A 85 -15.82 0.25 -2.78
C ALA A 85 -14.56 0.07 -1.90
N LEU A 86 -13.38 0.26 -2.50
CA LEU A 86 -12.16 0.12 -1.75
C LEU A 86 -12.04 1.21 -0.69
N ARG A 87 -12.35 2.45 -1.07
CA ARG A 87 -12.37 3.55 -0.12
C ARG A 87 -13.27 3.24 1.07
N ASP A 88 -14.46 2.75 0.81
CA ASP A 88 -15.40 2.48 1.90
C ASP A 88 -14.91 1.37 2.83
N ALA A 89 -14.26 0.35 2.29
CA ALA A 89 -13.67 -0.68 3.13
C ALA A 89 -12.57 -0.09 4.02
N CYS A 90 -11.75 0.75 3.43
CA CYS A 90 -10.64 1.36 4.16
C CYS A 90 -11.10 2.35 5.21
N ALA A 91 -12.24 2.98 5.00
CA ALA A 91 -12.79 3.92 6.00
C ALA A 91 -13.17 3.22 7.32
N GLU A 92 -13.30 1.89 7.31
CA GLU A 92 -13.60 1.10 8.51
C GLU A 92 -12.36 0.88 9.38
N LEU A 93 -11.18 1.07 8.81
CA LEU A 93 -9.94 0.81 9.55
C LEU A 93 -9.82 1.79 10.71
N SER A 94 -9.56 1.24 11.90
CA SER A 94 -9.32 2.05 13.10
C SER A 94 -7.85 2.41 13.31
N ALA A 95 -6.95 1.58 12.78
CA ALA A 95 -5.52 1.82 12.85
C ALA A 95 -5.13 2.63 11.61
N PRO A 96 -3.88 3.11 11.55
CA PRO A 96 -3.54 3.97 10.44
C PRO A 96 -3.52 3.29 9.08
N LEU A 97 -3.82 4.08 8.06
CA LEU A 97 -3.78 3.69 6.65
C LEU A 97 -2.78 4.61 6.00
N ILE A 98 -1.74 4.04 5.41
CA ILE A 98 -0.79 4.83 4.65
C ILE A 98 -0.88 4.41 3.20
N GLU A 99 -1.19 5.36 2.33
CA GLU A 99 -1.27 5.15 0.89
C GLU A 99 0.13 5.32 0.29
N VAL A 100 0.59 4.38 -0.51
CA VAL A 100 1.89 4.46 -1.14
C VAL A 100 1.72 4.29 -2.64
N HIS A 101 2.41 5.12 -3.41
CA HIS A 101 2.58 4.96 -4.84
C HIS A 101 4.07 5.00 -5.17
N ILE A 102 4.51 4.05 -5.96
CA ILE A 102 5.90 3.93 -6.33
C ILE A 102 6.29 5.12 -7.19
N SER A 103 5.46 5.41 -8.20
CA SER A 103 5.68 6.52 -9.11
C SER A 103 5.12 7.82 -8.56
N ASN A 104 5.64 8.93 -9.05
CA ASN A 104 5.08 10.23 -8.71
C ASN A 104 3.84 10.47 -9.57
N VAL A 105 2.69 10.09 -9.03
CA VAL A 105 1.43 10.22 -9.75
C VAL A 105 1.09 11.65 -10.14
N HIS A 106 1.71 12.62 -9.48
CA HIS A 106 1.46 14.04 -9.80
C HIS A 106 2.22 14.54 -11.01
N ALA A 107 3.11 13.72 -11.52
CA ALA A 107 3.90 14.09 -12.68
C ALA A 107 3.44 13.31 -13.90
N ARG A 108 2.29 12.62 -13.82
CA ARG A 108 1.82 11.76 -14.87
C ARG A 108 0.46 12.25 -15.40
N GLU A 109 -0.36 11.38 -15.98
CA GLU A 109 -1.64 11.82 -16.54
C GLU A 109 -2.50 12.44 -15.46
N GLU A 110 -3.34 13.38 -15.85
CA GLU A 110 -4.22 14.05 -14.90
C GLU A 110 -5.09 13.09 -14.10
N PHE A 111 -5.58 12.02 -14.71
CA PHE A 111 -6.45 11.09 -13.98
C PHE A 111 -5.78 10.44 -12.78
N ARG A 112 -4.46 10.33 -12.82
CA ARG A 112 -3.71 9.73 -11.71
C ARG A 112 -3.54 10.67 -10.53
N ARG A 113 -3.89 11.93 -10.71
CA ARG A 113 -3.72 12.92 -9.63
C ARG A 113 -4.92 12.94 -8.69
N HIS A 114 -5.93 12.11 -8.93
CA HIS A 114 -7.06 11.98 -8.06
C HIS A 114 -7.08 10.61 -7.42
N SER A 115 -7.24 10.58 -6.11
CA SER A 115 -7.30 9.38 -5.32
C SER A 115 -8.55 9.38 -4.46
N TYR A 116 -9.32 8.30 -4.51
CA TYR A 116 -10.40 8.11 -3.55
C TYR A 116 -9.89 7.80 -2.16
N LEU A 117 -8.63 7.35 -2.05
CA LEU A 117 -8.10 6.92 -0.77
C LEU A 117 -7.47 8.03 0.04
N SER A 118 -6.84 8.99 -0.64
CA SER A 118 -6.10 10.00 0.11
C SER A 118 -6.87 10.73 1.19
N PRO A 119 -8.14 11.07 0.93
CA PRO A 119 -8.86 11.81 1.97
C PRO A 119 -9.12 11.04 3.27
N ILE A 120 -9.09 9.70 3.21
CA ILE A 120 -9.33 8.89 4.38
C ILE A 120 -8.05 8.23 4.92
N ALA A 121 -6.93 8.44 4.24
CA ALA A 121 -5.64 7.92 4.68
C ALA A 121 -5.07 8.81 5.79
N THR A 122 -4.26 8.21 6.64
CA THR A 122 -3.44 9.00 7.56
C THR A 122 -2.47 9.91 6.79
N GLY A 123 -1.79 9.31 5.86
CA GLY A 123 -0.87 10.02 5.00
C GLY A 123 -0.60 9.25 3.74
N VAL A 124 0.19 9.89 2.87
CA VAL A 124 0.42 9.42 1.52
C VAL A 124 1.89 9.67 1.16
N ILE A 125 2.53 8.66 0.58
CA ILE A 125 3.89 8.76 0.08
C ILE A 125 3.87 8.40 -1.40
N VAL A 126 4.36 9.30 -2.24
CA VAL A 126 4.44 9.02 -3.68
C VAL A 126 5.79 9.36 -4.25
N GLY A 127 6.21 8.59 -5.25
CA GLY A 127 7.36 8.95 -6.03
C GLY A 127 8.71 8.58 -5.46
N LEU A 128 8.73 7.89 -4.32
CA LEU A 128 9.97 7.53 -3.69
C LEU A 128 10.35 6.10 -4.00
N GLY A 129 9.75 5.54 -5.03
CA GLY A 129 10.03 4.17 -5.39
C GLY A 129 9.56 3.17 -4.37
N ILE A 130 10.20 2.02 -4.39
CA ILE A 130 9.79 1.00 -3.42
C ILE A 130 10.25 1.39 -1.99
N GLN A 131 11.19 2.32 -1.86
CA GLN A 131 11.51 2.80 -0.53
C GLN A 131 10.31 3.42 0.18
N GLY A 132 9.31 3.88 -0.57
CA GLY A 132 8.12 4.40 0.06
C GLY A 132 7.47 3.42 1.02
N TYR A 133 7.49 2.12 0.68
CA TYR A 133 6.91 1.11 1.58
C TYR A 133 7.68 1.02 2.87
N LEU A 134 9.00 1.11 2.76
CA LEU A 134 9.89 0.99 3.91
C LEU A 134 9.79 2.22 4.81
N LEU A 135 9.60 3.38 4.19
CA LEU A 135 9.39 4.59 4.97
C LEU A 135 8.03 4.56 5.68
N ALA A 136 6.99 4.05 5.01
CA ALA A 136 5.69 3.85 5.65
C ALA A 136 5.82 2.94 6.89
N LEU A 137 6.61 1.88 6.78
CA LEU A 137 6.82 1.00 7.92
C LEU A 137 7.44 1.72 9.09
N ARG A 138 8.43 2.54 8.78
CA ARG A 138 9.14 3.30 9.81
C ARG A 138 8.24 4.32 10.51
N TYR A 139 7.32 4.91 9.77
CA TYR A 139 6.32 5.77 10.37
C TYR A 139 5.51 4.98 11.39
N LEU A 140 5.05 3.81 10.99
CA LEU A 140 4.19 2.98 11.85
C LEU A 140 4.94 2.51 13.10
N ALA A 141 6.22 2.21 12.94
CA ALA A 141 7.04 1.76 14.07
C ALA A 141 7.30 2.86 15.10
N GLU A 142 7.45 4.10 14.64
CA GLU A 142 7.72 5.23 15.53
C GLU A 142 6.47 5.81 16.12
N HIS A 143 5.30 5.39 15.59
CA HIS A 143 3.98 5.72 16.13
C HIS A 143 3.33 4.51 16.82
CAK CB6 B . 2.69 -1.82 -12.15
CAT CB6 B . 2.96 -2.32 -13.38
CAI CB6 B . 3.98 -3.16 -13.82
CAH CB6 B . 4.06 -3.55 -15.16
CAR CB6 B . 3.12 -3.09 -16.09
CAJ CB6 B . 2.11 -2.26 -15.67
CAU CB6 B . 2.05 -1.89 -14.34
SAO CB6 B . 0.96 -0.88 -13.63
CAS CB6 B . 1.61 -1.02 -12.09
CAL CB6 B . 1.09 -0.34 -10.98
OAN CB6 B . -0.18 0.52 -11.16
CAQ CB6 B . -0.14 1.72 -10.54
CAG CB6 B . 0.68 1.94 -9.44
CAX CB6 B . 0.75 3.20 -8.81
CAP CB6 B . 2.18 3.48 -8.32
OAC CB6 B . 2.85 4.45 -8.73
OAB CB6 B . 2.58 2.67 -7.47
OAF CB6 B . -0.10 3.09 -7.60
CAM CB6 B . 0.23 4.37 -9.66
CAV CB6 B . -1.13 4.02 -10.25
OAD CB6 B . -1.60 5.16 -10.99
CAW CB6 B . -0.92 2.86 -11.21
OAE CB6 B . -2.17 2.32 -11.74
CAA CB6 B . 5.15 -4.49 -15.69
NA NA C . -2.63 -9.88 9.10
NA NA D . 13.20 3.40 -3.87
S SO4 E . -13.29 -11.59 -9.13
O1 SO4 E . -13.71 -11.35 -10.55
O2 SO4 E . -13.10 -13.12 -9.02
O3 SO4 E . -12.27 -10.76 -9.11
O4 SO4 E . -14.70 -10.55 -8.65
S SO4 F . 2.43 -14.59 6.10
O1 SO4 F . 3.03 -15.91 5.90
O2 SO4 F . 2.96 -13.98 7.31
O3 SO4 F . 2.71 -13.77 4.93
O4 SO4 F . 0.98 -14.77 6.25
S SO4 G . -12.43 -14.02 -1.86
O1 SO4 G . -13.87 -14.21 -1.92
O2 SO4 G . -11.79 -15.14 -2.57
O3 SO4 G . -12.07 -12.77 -2.51
O4 SO4 G . -11.98 -13.99 -0.48
S SO4 H . -5.58 -14.88 3.28
O1 SO4 H . -5.48 -14.65 1.83
O2 SO4 H . -5.68 -16.30 3.55
O3 SO4 H . -4.38 -14.35 3.91
O4 SO4 H . -6.77 -14.21 3.79
S SO4 I . 1.49 20.89 -14.38
O1 SO4 I . 1.03 21.76 -15.47
O2 SO4 I . 2.84 20.39 -14.71
O3 SO4 I . 1.53 21.64 -13.11
O4 SO4 I . 0.59 19.76 -14.30
#